data_7A6P
#
_entry.id   7A6P
#
_cell.length_a   37.142
_cell.length_b   88.467
_cell.length_c   54.180
_cell.angle_alpha   90.000
_cell.angle_beta   106.030
_cell.angle_gamma   90.000
#
_symmetry.space_group_name_H-M   'P 1 21 1'
#
loop_
_entity.id
_entity.type
_entity.pdbx_description
1 polymer 'Putative Sensory box protein'
2 non-polymer DI(HYDROXYETHYL)ETHER
3 non-polymer 'FLAVIN MONONUCLEOTIDE'
4 water water
#
_entity_poly.entity_id   1
_entity_poly.type   'polypeptide(L)'
_entity_poly.pdbx_seq_one_letter_code
;MGSSHHHHHHSSGLVPRGSHMINAKLLQLMVEHSNDGIVVAEQEGNESILIYVNPAFERLTGYCADDILYQDCRFLQGED
HDQPGIAIIREAIREGRPCCQVLRNYRKDGSLFWNELSITPVHNEADQLTYYIGIQRDVTAQVFAEERVRELEAEVAELR
RQQGQAKH
;
_entity_poly.pdbx_strand_id   A,B
#
loop_
_chem_comp.id
_chem_comp.type
_chem_comp.name
_chem_comp.formula
FMN non-polymer 'FLAVIN MONONUCLEOTIDE' 'C17 H21 N4 O9 P'
PEG non-polymer DI(HYDROXYETHYL)ETHER 'C4 H10 O3'
#
# COMPACT_ATOMS: atom_id res chain seq x y z
N HIS A 20 -1.44 22.99 -4.80
CA HIS A 20 -2.79 23.54 -4.84
C HIS A 20 -3.11 24.37 -3.59
N MET A 21 -4.18 25.17 -3.66
CA MET A 21 -4.49 26.17 -2.64
C MET A 21 -5.22 25.62 -1.41
N ILE A 22 -6.53 25.42 -1.52
CA ILE A 22 -7.36 25.07 -0.36
C ILE A 22 -7.18 23.61 0.04
N ASN A 23 -7.84 23.21 1.11
CA ASN A 23 -7.76 21.85 1.60
C ASN A 23 -8.58 20.87 0.76
N ALA A 24 -9.58 21.34 0.01
CA ALA A 24 -10.29 20.43 -0.88
C ALA A 24 -9.41 20.00 -2.04
N LYS A 25 -8.66 20.94 -2.61
CA LYS A 25 -7.72 20.59 -3.67
C LYS A 25 -6.66 19.62 -3.18
N LEU A 26 -6.17 19.82 -1.95
CA LEU A 26 -5.17 18.92 -1.41
C LEU A 26 -5.75 17.52 -1.17
N LEU A 27 -6.97 17.44 -0.64
CA LEU A 27 -7.64 16.14 -0.51
C LEU A 27 -7.75 15.43 -1.84
N GLN A 28 -8.07 16.16 -2.91
CA GLN A 28 -8.16 15.52 -4.21
C GLN A 28 -6.80 15.04 -4.69
N LEU A 29 -5.76 15.85 -4.49
CA LEU A 29 -4.42 15.44 -4.89
C LEU A 29 -3.98 14.21 -4.11
N MET A 30 -4.33 14.14 -2.82
CA MET A 30 -3.96 12.97 -2.03
C MET A 30 -4.61 11.71 -2.57
N VAL A 31 -5.89 11.79 -2.95
CA VAL A 31 -6.60 10.61 -3.46
C VAL A 31 -6.05 10.21 -4.82
N GLU A 32 -5.79 11.19 -5.70
CA GLU A 32 -5.33 10.86 -7.05
C GLU A 32 -3.89 10.33 -7.06
N HIS A 33 -3.06 10.69 -6.09
CA HIS A 33 -1.69 10.18 -6.05
C HIS A 33 -1.51 8.98 -5.09
N SER A 34 -2.59 8.46 -4.52
CA SER A 34 -2.48 7.25 -3.72
C SER A 34 -1.97 6.09 -4.56
N ASN A 35 -1.12 5.24 -3.95
CA ASN A 35 -0.67 4.03 -4.65
C ASN A 35 -1.72 2.92 -4.62
N ASP A 36 -2.45 2.78 -3.50
CA ASP A 36 -3.56 1.82 -3.45
C ASP A 36 -4.74 2.34 -4.27
N GLY A 37 -5.53 1.40 -4.80
CA GLY A 37 -6.82 1.78 -5.35
C GLY A 37 -7.74 2.31 -4.26
N ILE A 38 -8.52 3.33 -4.62
CA ILE A 38 -9.53 3.88 -3.73
C ILE A 38 -10.83 4.07 -4.51
N VAL A 39 -11.94 3.58 -3.97
CA VAL A 39 -13.23 3.71 -4.61
C VAL A 39 -14.28 4.08 -3.57
N VAL A 40 -15.38 4.66 -4.05
CA VAL A 40 -16.56 4.87 -3.24
C VAL A 40 -17.71 4.15 -3.94
N ALA A 41 -18.48 3.38 -3.18
CA ALA A 41 -19.68 2.75 -3.69
C ALA A 41 -20.89 3.21 -2.90
N GLU A 42 -22.05 3.01 -3.50
CA GLU A 42 -23.33 3.41 -2.94
C GLU A 42 -24.24 2.19 -2.98
N GLN A 43 -24.93 1.93 -1.88
CA GLN A 43 -25.85 0.80 -1.83
C GLN A 43 -27.02 1.04 -2.78
N GLU A 44 -27.33 0.02 -3.60
CA GLU A 44 -28.49 0.07 -4.47
C GLU A 44 -28.99 -1.36 -4.65
N GLY A 45 -30.05 -1.72 -3.93
CA GLY A 45 -30.52 -3.09 -3.98
C GLY A 45 -29.43 -4.06 -3.57
N ASN A 46 -29.25 -5.11 -4.37
CA ASN A 46 -28.30 -6.18 -4.12
C ASN A 46 -26.90 -5.85 -4.63
N GLU A 47 -26.63 -4.60 -4.97
CA GLU A 47 -25.31 -4.27 -5.45
C GLU A 47 -24.79 -3.02 -4.76
N SER A 48 -23.47 -2.91 -4.78
CA SER A 48 -22.76 -1.74 -4.27
C SER A 48 -22.21 -1.09 -5.53
N ILE A 49 -22.79 0.03 -5.90
CA ILE A 49 -22.54 0.62 -7.21
C ILE A 49 -21.39 1.61 -7.06
N LEU A 50 -20.37 1.44 -7.91
CA LEU A 50 -19.21 2.34 -7.92
C LEU A 50 -19.62 3.72 -8.40
N ILE A 51 -19.32 4.75 -7.62
CA ILE A 51 -19.55 6.12 -8.03
C ILE A 51 -18.27 6.94 -8.15
N TYR A 52 -17.14 6.39 -7.73
CA TYR A 52 -15.85 7.04 -7.96
C TYR A 52 -14.74 5.99 -7.87
N VAL A 53 -13.79 6.04 -8.80
CA VAL A 53 -12.55 5.27 -8.71
C VAL A 53 -11.37 6.20 -8.98
N ASN A 54 -10.27 6.00 -8.25
CA ASN A 54 -9.08 6.82 -8.44
C ASN A 54 -8.18 6.21 -9.52
N PRO A 55 -7.11 6.92 -9.92
CA PRO A 55 -6.24 6.39 -11.00
C PRO A 55 -5.57 5.06 -10.65
N ALA A 56 -5.16 4.85 -9.39
CA ALA A 56 -4.55 3.57 -9.01
C ALA A 56 -5.48 2.38 -9.27
N PHE A 57 -6.79 2.57 -9.08
CA PHE A 57 -7.74 1.47 -9.35
C PHE A 57 -7.81 1.16 -10.85
N GLU A 58 -7.83 2.18 -11.71
CA GLU A 58 -7.78 1.94 -13.15
C GLU A 58 -6.52 1.18 -13.54
N ARG A 59 -5.36 1.58 -13.00
CA ARG A 59 -4.12 0.90 -13.33
C ARG A 59 -4.11 -0.53 -12.79
N LEU A 60 -4.57 -0.72 -11.55
CA LEU A 60 -4.59 -2.05 -10.94
C LEU A 60 -5.47 -3.02 -11.71
N THR A 61 -6.63 -2.56 -12.19
CA THR A 61 -7.57 -3.47 -12.84
C THR A 61 -7.41 -3.55 -14.35
N GLY A 62 -6.76 -2.58 -14.97
CA GLY A 62 -6.66 -2.53 -16.42
C GLY A 62 -7.84 -1.92 -17.13
N TYR A 63 -8.85 -1.45 -16.39
CA TYR A 63 -10.03 -0.83 -16.99
C TYR A 63 -10.00 0.68 -16.79
N CYS A 64 -10.54 1.44 -17.75
CA CYS A 64 -10.72 2.86 -17.51
C CYS A 64 -12.02 3.12 -16.75
N ALA A 65 -12.08 4.26 -16.07
CA ALA A 65 -13.21 4.60 -15.22
C ALA A 65 -14.54 4.54 -15.97
N ASP A 66 -14.59 5.08 -17.20
CA ASP A 66 -15.85 5.09 -17.93
C ASP A 66 -16.38 3.67 -18.17
N ASP A 67 -15.49 2.69 -18.24
CA ASP A 67 -15.92 1.31 -18.44
C ASP A 67 -16.48 0.66 -17.19
N ILE A 68 -16.18 1.18 -15.99
CA ILE A 68 -16.60 0.39 -14.84
C ILE A 68 -17.41 1.21 -13.83
N LEU A 69 -17.52 2.51 -14.03
CA LEU A 69 -18.38 3.29 -13.16
C LEU A 69 -19.82 2.81 -13.26
N TYR A 70 -20.53 2.88 -12.12
CA TYR A 70 -21.92 2.49 -11.98
C TYR A 70 -22.17 0.99 -12.15
N GLN A 71 -21.16 0.17 -11.91
CA GLN A 71 -21.25 -1.28 -11.80
C GLN A 71 -20.92 -1.71 -10.36
N ASP A 72 -21.30 -2.94 -10.03
CA ASP A 72 -20.80 -3.57 -8.81
C ASP A 72 -19.38 -4.08 -9.06
N CYS A 73 -18.51 -3.89 -8.08
CA CYS A 73 -17.11 -4.25 -8.27
CA CYS A 73 -17.10 -4.28 -8.16
C CYS A 73 -16.89 -5.76 -8.38
N ARG A 74 -17.92 -6.57 -8.12
CA ARG A 74 -17.73 -8.02 -8.13
C ARG A 74 -17.31 -8.54 -9.49
N PHE A 75 -17.49 -7.74 -10.56
CA PHE A 75 -17.05 -8.17 -11.88
C PHE A 75 -15.56 -8.49 -11.90
N LEU A 76 -14.76 -7.92 -10.97
CA LEU A 76 -13.33 -8.24 -10.93
C LEU A 76 -13.07 -9.70 -10.59
N GLN A 77 -14.06 -10.40 -10.03
CA GLN A 77 -13.95 -11.83 -9.75
C GLN A 77 -14.16 -12.72 -10.98
N GLY A 78 -14.67 -12.18 -12.09
CA GLY A 78 -15.01 -13.04 -13.21
C GLY A 78 -16.06 -14.05 -12.77
N GLU A 79 -15.78 -15.33 -13.00
CA GLU A 79 -16.66 -16.41 -12.56
C GLU A 79 -16.19 -17.05 -11.27
N ASP A 80 -15.17 -16.47 -10.63
CA ASP A 80 -14.56 -16.98 -9.42
C ASP A 80 -15.27 -16.37 -8.21
N HIS A 81 -16.51 -16.82 -8.00
CA HIS A 81 -17.36 -16.17 -7.00
C HIS A 81 -17.41 -16.89 -5.66
N ASP A 82 -16.96 -18.14 -5.59
CA ASP A 82 -17.08 -18.92 -4.36
C ASP A 82 -15.77 -18.93 -3.59
N GLN A 83 -15.43 -17.77 -3.04
CA GLN A 83 -14.19 -17.61 -2.30
C GLN A 83 -14.50 -17.30 -0.84
N PRO A 84 -13.74 -17.89 0.10
CA PRO A 84 -14.10 -17.71 1.51
C PRO A 84 -14.14 -16.26 1.95
N GLY A 85 -13.27 -15.41 1.38
CA GLY A 85 -13.32 -14.00 1.72
C GLY A 85 -14.58 -13.32 1.26
N ILE A 86 -15.24 -13.85 0.23
CA ILE A 86 -16.47 -13.23 -0.27
C ILE A 86 -17.60 -13.36 0.74
N ALA A 87 -17.71 -14.52 1.40
CA ALA A 87 -18.75 -14.65 2.42
C ALA A 87 -18.48 -13.72 3.60
N ILE A 88 -17.21 -13.54 3.97
CA ILE A 88 -16.89 -12.63 5.07
C ILE A 88 -17.27 -11.20 4.71
N ILE A 89 -16.94 -10.77 3.50
CA ILE A 89 -17.30 -9.42 3.05
C ILE A 89 -18.81 -9.23 3.09
N ARG A 90 -19.55 -10.21 2.55
CA ARG A 90 -21.02 -10.14 2.55
C ARG A 90 -21.56 -9.95 3.96
N GLU A 91 -21.06 -10.72 4.92
CA GLU A 91 -21.59 -10.59 6.27
C GLU A 91 -21.28 -9.23 6.87
N ALA A 92 -20.05 -8.73 6.65
CA ALA A 92 -19.68 -7.44 7.20
C ALA A 92 -20.52 -6.30 6.59
N ILE A 93 -20.70 -6.31 5.27
CA ILE A 93 -21.55 -5.30 4.63
C ILE A 93 -22.98 -5.39 5.16
N ARG A 94 -23.48 -6.61 5.36
CA ARG A 94 -24.80 -6.82 5.93
C ARG A 94 -24.94 -6.17 7.30
N GLU A 95 -23.87 -6.22 8.09
CA GLU A 95 -23.85 -5.69 9.45
C GLU A 95 -23.29 -4.27 9.52
N GLY A 96 -22.86 -3.70 8.39
CA GLY A 96 -22.34 -2.35 8.44
C GLY A 96 -21.04 -2.22 9.19
N ARG A 97 -20.23 -3.33 9.27
CA ARG A 97 -18.92 -3.36 9.91
C ARG A 97 -17.81 -3.30 8.86
N PRO A 98 -16.65 -2.74 9.19
CA PRO A 98 -15.52 -2.78 8.26
C PRO A 98 -14.99 -4.21 8.12
N CYS A 99 -14.30 -4.46 7.00
CA CYS A 99 -13.68 -5.77 6.82
C CYS A 99 -12.41 -5.63 6.01
N CYS A 100 -11.61 -6.70 5.99
CA CYS A 100 -10.37 -6.72 5.23
C CYS A 100 -10.13 -8.17 4.83
N GLN A 101 -10.13 -8.44 3.52
CA GLN A 101 -9.98 -9.79 2.99
C GLN A 101 -9.15 -9.77 1.70
N VAL A 102 -8.40 -10.85 1.48
CA VAL A 102 -7.63 -11.02 0.25
C VAL A 102 -8.45 -11.88 -0.72
N LEU A 103 -8.68 -11.37 -1.93
CA LEU A 103 -9.45 -12.06 -2.95
C LEU A 103 -8.62 -12.31 -4.20
N ARG A 104 -8.96 -13.37 -4.94
CA ARG A 104 -8.50 -13.54 -6.31
C ARG A 104 -9.36 -12.65 -7.23
N ASN A 105 -8.71 -11.78 -7.99
CA ASN A 105 -9.35 -10.92 -8.98
C ASN A 105 -8.60 -11.08 -10.30
N TYR A 106 -9.18 -10.52 -11.36
CA TYR A 106 -8.61 -10.69 -12.69
C TYR A 106 -8.60 -9.34 -13.41
N ARG A 107 -7.47 -9.00 -14.02
CA ARG A 107 -7.36 -7.76 -14.77
C ARG A 107 -8.10 -7.88 -16.09
N LYS A 108 -8.21 -6.75 -16.80
CA LYS A 108 -8.84 -6.75 -18.11
C LYS A 108 -8.15 -7.72 -19.07
N ASP A 109 -6.82 -7.84 -18.97
CA ASP A 109 -6.10 -8.78 -19.83
C ASP A 109 -6.26 -10.23 -19.39
N GLY A 110 -6.96 -10.47 -18.29
CA GLY A 110 -7.24 -11.80 -17.80
C GLY A 110 -6.30 -12.31 -16.74
N SER A 111 -5.21 -11.60 -16.43
CA SER A 111 -4.25 -12.16 -15.50
C SER A 111 -4.78 -12.08 -14.08
N LEU A 112 -4.47 -13.12 -13.30
CA LEU A 112 -4.90 -13.20 -11.91
C LEU A 112 -4.05 -12.26 -11.08
N PHE A 113 -4.69 -11.59 -10.11
CA PHE A 113 -3.94 -10.88 -9.08
C PHE A 113 -4.68 -11.01 -7.75
N TRP A 114 -3.91 -10.93 -6.68
CA TRP A 114 -4.40 -11.01 -5.31
C TRP A 114 -4.63 -9.61 -4.77
N ASN A 115 -5.87 -9.36 -4.36
CA ASN A 115 -6.38 -8.05 -3.99
C ASN A 115 -6.69 -8.06 -2.50
N GLU A 116 -5.93 -7.29 -1.72
CA GLU A 116 -6.27 -7.10 -0.31
C GLU A 116 -7.28 -5.95 -0.24
N LEU A 117 -8.55 -6.28 -0.04
CA LEU A 117 -9.66 -5.34 -0.08
C LEU A 117 -10.05 -4.90 1.34
N SER A 118 -10.08 -3.59 1.57
CA SER A 118 -10.56 -3.02 2.83
C SER A 118 -11.80 -2.19 2.54
N ILE A 119 -12.92 -2.52 3.19
CA ILE A 119 -14.19 -1.86 3.01
C ILE A 119 -14.61 -1.23 4.34
N THR A 120 -15.04 0.04 4.29
CA THR A 120 -15.53 0.74 5.47
C THR A 120 -16.91 1.34 5.19
N PRO A 121 -17.98 0.85 5.81
CA PRO A 121 -19.29 1.51 5.66
C PRO A 121 -19.31 2.83 6.41
N VAL A 122 -19.91 3.85 5.78
CA VAL A 122 -20.03 5.18 6.38
C VAL A 122 -21.47 5.68 6.19
N HIS A 123 -22.16 5.97 7.30
CA HIS A 123 -23.55 6.39 7.26
C HIS A 123 -23.66 7.92 7.27
N ASN A 124 -24.36 8.46 6.27
CA ASN A 124 -24.54 9.90 6.09
C ASN A 124 -25.82 10.31 6.84
N GLU A 125 -25.64 10.93 8.01
CA GLU A 125 -26.77 11.31 8.84
C GLU A 125 -27.64 12.39 8.19
N ALA A 126 -27.11 13.11 7.19
CA ALA A 126 -27.90 14.14 6.50
C ALA A 126 -28.93 13.50 5.57
N ASP A 127 -28.48 12.71 4.59
CA ASP A 127 -29.37 12.13 3.59
C ASP A 127 -29.86 10.72 3.94
N GLN A 128 -29.45 10.18 5.09
CA GLN A 128 -29.89 8.85 5.55
C GLN A 128 -29.42 7.73 4.61
N LEU A 129 -28.30 7.94 3.91
CA LEU A 129 -27.77 6.96 2.97
C LEU A 129 -26.43 6.43 3.45
N THR A 130 -26.17 5.17 3.13
CA THR A 130 -24.91 4.51 3.45
C THR A 130 -24.01 4.48 2.23
N TYR A 131 -22.75 4.90 2.41
CA TYR A 131 -21.70 4.78 1.41
C TYR A 131 -20.65 3.79 1.90
N TYR A 132 -19.77 3.38 0.98
CA TYR A 132 -18.70 2.47 1.30
C TYR A 132 -17.39 3.00 0.71
N ILE A 133 -16.36 3.09 1.55
CA ILE A 133 -15.00 3.36 1.09
C ILE A 133 -14.32 2.03 0.83
N GLY A 134 -13.75 1.87 -0.35
CA GLY A 134 -12.97 0.67 -0.61
C GLY A 134 -11.52 1.00 -0.91
N ILE A 135 -10.57 0.29 -0.27
CA ILE A 135 -9.15 0.41 -0.53
C ILE A 135 -8.69 -0.91 -1.12
N GLN A 136 -8.02 -0.86 -2.28
CA GLN A 136 -7.50 -2.07 -2.92
C GLN A 136 -5.98 -2.04 -3.01
N ARG A 137 -5.34 -3.09 -2.52
CA ARG A 137 -3.89 -3.24 -2.63
C ARG A 137 -3.57 -4.54 -3.36
N ASP A 138 -2.78 -4.44 -4.42
CA ASP A 138 -2.25 -5.62 -5.08
C ASP A 138 -1.16 -6.24 -4.20
N VAL A 139 -1.44 -7.43 -3.66
CA VAL A 139 -0.46 -8.14 -2.82
C VAL A 139 0.05 -9.40 -3.53
N THR A 140 -0.02 -9.42 -4.87
CA THR A 140 0.44 -10.56 -5.65
C THR A 140 1.91 -10.89 -5.34
N ALA A 141 2.76 -9.88 -5.31
CA ALA A 141 4.19 -10.11 -5.10
C ALA A 141 4.44 -10.71 -3.72
N GLN A 142 3.75 -10.22 -2.70
CA GLN A 142 3.95 -10.77 -1.37
C GLN A 142 3.38 -12.19 -1.29
N VAL A 143 2.24 -12.43 -1.94
CA VAL A 143 1.70 -13.79 -2.01
C VAL A 143 2.68 -14.72 -2.71
N PHE A 144 3.27 -14.28 -3.83
CA PHE A 144 4.20 -15.14 -4.55
C PHE A 144 5.47 -15.38 -3.74
N ALA A 145 5.96 -14.35 -3.05
CA ALA A 145 7.17 -14.52 -2.25
C ALA A 145 6.96 -15.54 -1.14
N GLU A 146 5.82 -15.45 -0.45
CA GLU A 146 5.52 -16.38 0.63
C GLU A 146 5.33 -17.81 0.11
N GLU A 147 4.74 -17.97 -1.07
CA GLU A 147 4.67 -19.30 -1.67
C GLU A 147 6.06 -19.81 -2.01
N ARG A 148 6.93 -18.93 -2.51
CA ARG A 148 8.30 -19.29 -2.85
C ARG A 148 9.09 -19.71 -1.61
N VAL A 149 8.89 -19.02 -0.49
CA VAL A 149 9.52 -19.44 0.76
C VAL A 149 9.09 -20.86 1.12
N ARG A 150 7.79 -21.13 1.02
CA ARG A 150 7.31 -22.46 1.42
C ARG A 150 7.84 -23.54 0.49
N GLU A 151 7.93 -23.27 -0.82
CA GLU A 151 8.51 -24.24 -1.75
C GLU A 151 9.98 -24.50 -1.44
N LEU A 152 10.74 -23.44 -1.12
CA LEU A 152 12.17 -23.63 -0.84
C LEU A 152 12.37 -24.37 0.48
N GLU A 153 11.52 -24.08 1.48
CA GLU A 153 11.59 -24.83 2.74
C GLU A 153 11.31 -26.30 2.53
N ALA A 154 10.33 -26.62 1.67
CA ALA A 154 10.06 -28.02 1.34
C ALA A 154 11.25 -28.65 0.62
N GLU A 155 11.91 -27.90 -0.27
CA GLU A 155 13.10 -28.44 -0.93
C GLU A 155 14.22 -28.69 0.07
N VAL A 156 14.40 -27.80 1.05
CA VAL A 156 15.41 -28.02 2.08
C VAL A 156 15.08 -29.28 2.88
N ALA A 157 13.80 -29.48 3.20
CA ALA A 157 13.39 -30.68 3.95
C ALA A 157 13.72 -31.95 3.16
N GLU A 158 13.54 -31.92 1.84
CA GLU A 158 13.86 -33.10 1.05
C GLU A 158 15.37 -33.34 0.99
N LEU A 159 16.16 -32.26 0.92
CA LEU A 159 17.61 -32.40 0.97
C LEU A 159 18.08 -32.95 2.33
N ARG A 160 17.40 -32.58 3.41
CA ARG A 160 17.72 -33.15 4.72
C ARG A 160 17.38 -34.64 4.76
N ARG A 161 16.23 -35.03 4.22
CA ARG A 161 15.91 -36.44 4.13
C ARG A 161 16.97 -37.20 3.32
N GLN A 162 17.45 -36.60 2.23
CA GLN A 162 18.39 -37.28 1.35
C GLN A 162 19.78 -37.38 1.99
N GLN A 163 20.22 -36.36 2.73
CA GLN A 163 21.46 -36.50 3.48
C GLN A 163 21.34 -37.57 4.56
N GLY A 164 20.13 -37.78 5.11
CA GLY A 164 19.96 -38.80 6.13
C GLY A 164 19.75 -40.18 5.57
N GLN A 165 19.16 -40.30 4.36
CA GLN A 165 19.09 -41.60 3.71
C GLN A 165 20.48 -42.04 3.27
N ALA A 166 21.39 -41.07 3.09
CA ALA A 166 22.80 -41.33 2.85
C ALA A 166 23.57 -41.59 4.15
N LYS A 167 23.02 -41.15 5.29
CA LYS A 167 23.57 -41.49 6.60
C LYS A 167 22.96 -42.75 7.20
N HIS A 168 21.88 -43.27 6.61
CA HIS A 168 21.26 -44.52 7.07
C HIS A 168 20.64 -45.27 5.90
N MET B 21 -22.44 20.90 -1.21
CA MET B 21 -21.82 19.73 -1.82
C MET B 21 -21.49 18.66 -0.77
N ILE B 22 -21.23 17.44 -1.25
CA ILE B 22 -20.89 16.33 -0.38
C ILE B 22 -19.58 15.65 -0.74
N ASN B 23 -18.95 16.01 -1.87
CA ASN B 23 -17.79 15.27 -2.34
C ASN B 23 -16.55 15.58 -1.51
N ALA B 24 -16.47 16.77 -0.89
CA ALA B 24 -15.31 17.09 -0.06
C ALA B 24 -15.25 16.22 1.19
N LYS B 25 -16.41 15.97 1.81
CA LYS B 25 -16.47 15.05 2.94
C LYS B 25 -16.04 13.65 2.52
N LEU B 26 -16.45 13.22 1.32
CA LEU B 26 -16.06 11.89 0.82
C LEU B 26 -14.56 11.82 0.56
N LEU B 27 -13.98 12.87 -0.05
CA LEU B 27 -12.54 12.93 -0.21
C LEU B 27 -11.84 12.82 1.14
N GLN B 28 -12.38 13.48 2.15
CA GLN B 28 -11.78 13.42 3.48
C GLN B 28 -11.85 12.01 4.06
N LEU B 29 -13.00 11.34 3.93
CA LEU B 29 -13.16 9.98 4.42
C LEU B 29 -12.25 9.00 3.68
N MET B 30 -12.05 9.22 2.38
CA MET B 30 -11.14 8.40 1.59
C MET B 30 -9.72 8.47 2.12
N VAL B 31 -9.23 9.69 2.43
CA VAL B 31 -7.89 9.88 2.97
C VAL B 31 -7.80 9.32 4.38
N GLU B 32 -8.83 9.55 5.20
CA GLU B 32 -8.78 9.12 6.59
C GLU B 32 -8.91 7.60 6.74
N HIS B 33 -9.53 6.90 5.80
CA HIS B 33 -9.56 5.46 5.91
C HIS B 33 -8.51 4.78 5.03
N SER B 34 -7.61 5.54 4.43
CA SER B 34 -6.51 4.90 3.71
CA SER B 34 -6.46 4.96 3.73
C SER B 34 -5.63 4.13 4.69
N ASN B 35 -5.08 3.02 4.20
CA ASN B 35 -4.19 2.19 5.01
C ASN B 35 -2.75 2.67 4.98
N ASP B 36 -2.29 3.22 3.84
CA ASP B 36 -0.98 3.86 3.78
C ASP B 36 -0.99 5.18 4.53
N GLY B 37 0.18 5.57 5.04
CA GLY B 37 0.33 6.94 5.49
C GLY B 37 0.23 7.86 4.28
N ILE B 38 -0.47 8.99 4.46
CA ILE B 38 -0.56 10.02 3.46
C ILE B 38 -0.31 11.37 4.14
N VAL B 39 0.59 12.17 3.56
CA VAL B 39 0.91 13.47 4.14
C VAL B 39 0.96 14.51 3.03
N VAL B 40 0.82 15.77 3.43
CA VAL B 40 1.13 16.93 2.61
C VAL B 40 2.23 17.71 3.31
N ALA B 41 3.26 18.11 2.56
CA ALA B 41 4.29 19.01 3.05
C ALA B 41 4.34 20.25 2.17
N GLU B 42 5.02 21.28 2.68
CA GLU B 42 5.17 22.56 1.99
C GLU B 42 6.65 22.95 2.03
N GLN B 43 7.14 23.45 0.91
CA GLN B 43 8.52 23.91 0.88
C GLN B 43 8.67 25.11 1.81
N GLU B 44 9.71 25.11 2.63
CA GLU B 44 10.01 26.25 3.48
C GLU B 44 11.54 26.33 3.57
N GLY B 45 12.12 27.28 2.85
CA GLY B 45 13.56 27.33 2.73
C GLY B 45 14.08 26.05 2.11
N ASN B 46 15.14 25.49 2.69
CA ASN B 46 15.76 24.31 2.11
C ASN B 46 15.15 23.01 2.60
N GLU B 47 13.97 23.05 3.24
CA GLU B 47 13.34 21.82 3.74
C GLU B 47 11.86 21.83 3.40
N SER B 48 11.22 20.68 3.63
CA SER B 48 9.80 20.41 3.38
C SER B 48 9.08 20.08 4.69
N ILE B 49 8.20 20.96 5.15
CA ILE B 49 7.56 20.79 6.45
C ILE B 49 6.13 20.25 6.29
N LEU B 50 5.77 19.31 7.17
CA LEU B 50 4.43 18.72 7.20
C LEU B 50 3.36 19.74 7.53
N ILE B 51 2.30 19.80 6.72
CA ILE B 51 1.13 20.60 7.06
C ILE B 51 -0.11 19.75 7.24
N TYR B 52 -0.06 18.46 6.90
CA TYR B 52 -1.18 17.54 7.14
C TYR B 52 -0.64 16.11 7.18
N VAL B 53 -1.11 15.32 8.16
CA VAL B 53 -0.89 13.87 8.18
C VAL B 53 -2.22 13.14 8.44
N ASN B 54 -2.43 11.99 7.77
CA ASN B 54 -3.65 11.24 7.99
C ASN B 54 -3.50 10.31 9.20
N PRO B 55 -4.59 9.69 9.66
CA PRO B 55 -4.47 8.83 10.85
C PRO B 55 -3.51 7.65 10.70
N ALA B 56 -3.45 7.03 9.52
CA ALA B 56 -2.54 5.90 9.33
C ALA B 56 -1.08 6.30 9.52
N PHE B 57 -0.70 7.53 9.14
CA PHE B 57 0.66 7.99 9.38
C PHE B 57 0.96 8.09 10.88
N GLU B 58 0.01 8.61 11.66
CA GLU B 58 0.19 8.63 13.12
C GLU B 58 0.35 7.21 13.69
N ARG B 59 -0.49 6.28 13.24
CA ARG B 59 -0.38 4.90 13.71
C ARG B 59 0.92 4.25 13.23
N LEU B 60 1.35 4.56 11.99
CA LEU B 60 2.53 3.93 11.42
C LEU B 60 3.80 4.38 12.16
N THR B 61 3.90 5.67 12.48
CA THR B 61 5.10 6.22 13.07
C THR B 61 5.07 6.24 14.59
N GLY B 62 3.90 6.14 15.20
CA GLY B 62 3.78 6.25 16.64
C GLY B 62 3.69 7.68 17.17
N TYR B 63 3.66 8.70 16.32
CA TYR B 63 3.57 10.08 16.76
C TYR B 63 2.16 10.65 16.57
N CYS B 64 1.69 11.42 17.53
CA CYS B 64 0.49 12.23 17.34
CA CYS B 64 0.48 12.17 17.27
C CYS B 64 0.78 13.35 16.35
N ALA B 65 -0.24 13.75 15.56
CA ALA B 65 -0.03 14.76 14.53
C ALA B 65 0.53 16.07 15.10
N ASP B 66 -0.03 16.54 16.22
CA ASP B 66 0.36 17.81 16.81
C ASP B 66 1.82 17.85 17.23
N ASP B 67 2.44 16.69 17.50
CA ASP B 67 3.83 16.65 17.93
C ASP B 67 4.82 16.81 16.76
N ILE B 68 4.39 16.59 15.52
CA ILE B 68 5.29 16.55 14.38
C ILE B 68 4.87 17.47 13.22
N LEU B 69 3.71 18.12 13.31
CA LEU B 69 3.33 19.07 12.25
C LEU B 69 4.33 20.22 12.19
N TYR B 70 4.53 20.75 10.98
CA TYR B 70 5.48 21.82 10.69
C TYR B 70 6.92 21.40 10.92
N GLN B 71 7.20 20.10 10.93
CA GLN B 71 8.56 19.59 10.92
C GLN B 71 8.81 18.87 9.61
N ASP B 72 10.09 18.76 9.27
CA ASP B 72 10.50 17.95 8.13
C ASP B 72 10.50 16.48 8.55
N CYS B 73 9.97 15.63 7.66
CA CYS B 73 9.87 14.19 7.89
C CYS B 73 11.20 13.47 8.13
N ARG B 74 12.33 14.10 7.89
CA ARG B 74 13.61 13.43 8.11
C ARG B 74 13.81 12.93 9.54
N PHE B 75 13.04 13.45 10.53
CA PHE B 75 13.17 12.97 11.90
C PHE B 75 12.91 11.47 12.01
N LEU B 76 12.19 10.89 11.05
CA LEU B 76 11.94 9.44 11.08
C LEU B 76 13.21 8.62 10.86
N GLN B 77 14.26 9.22 10.29
CA GLN B 77 15.52 8.51 10.08
C GLN B 77 16.34 8.35 11.36
N GLY B 78 15.97 9.03 12.45
CA GLY B 78 16.79 8.99 13.66
C GLY B 78 18.19 9.48 13.36
N GLU B 79 19.19 8.68 13.77
CA GLU B 79 20.58 8.94 13.44
C GLU B 79 21.06 8.11 12.26
N ASP B 80 20.15 7.42 11.58
CA ASP B 80 20.48 6.52 10.48
C ASP B 80 20.49 7.31 9.16
N HIS B 81 21.54 8.11 9.00
CA HIS B 81 21.66 9.04 7.88
C HIS B 81 22.51 8.52 6.73
N ASP B 82 23.17 7.38 6.89
CA ASP B 82 24.02 6.86 5.81
C ASP B 82 23.20 5.90 4.95
N GLN B 83 22.16 6.45 4.33
CA GLN B 83 21.31 5.69 3.43
C GLN B 83 21.31 6.35 2.06
N PRO B 84 21.59 5.61 0.99
CA PRO B 84 21.69 6.25 -0.34
C PRO B 84 20.39 6.90 -0.81
N GLY B 85 19.25 6.34 -0.42
CA GLY B 85 17.97 6.89 -0.83
C GLY B 85 17.69 8.29 -0.31
N ILE B 86 18.37 8.70 0.77
CA ILE B 86 18.13 10.05 1.28
C ILE B 86 18.64 11.09 0.30
N ALA B 87 19.86 10.90 -0.24
CA ALA B 87 20.38 11.84 -1.21
C ALA B 87 19.57 11.80 -2.51
N ILE B 88 19.06 10.63 -2.89
CA ILE B 88 18.23 10.54 -4.09
C ILE B 88 16.97 11.37 -3.90
N ILE B 89 16.33 11.24 -2.73
CA ILE B 89 15.13 12.03 -2.44
C ILE B 89 15.46 13.52 -2.43
N ARG B 90 16.56 13.89 -1.76
CA ARG B 90 16.94 15.29 -1.68
C ARG B 90 17.08 15.90 -3.07
N GLU B 91 17.78 15.20 -3.97
CA GLU B 91 17.99 15.72 -5.32
C GLU B 91 16.68 15.78 -6.10
N ALA B 92 15.80 14.80 -5.91
CA ALA B 92 14.52 14.84 -6.61
C ALA B 92 13.69 16.03 -6.15
N ILE B 93 13.65 16.28 -4.84
CA ILE B 93 12.98 17.47 -4.32
C ILE B 93 13.64 18.72 -4.88
N ARG B 94 14.97 18.72 -4.94
CA ARG B 94 15.70 19.86 -5.50
C ARG B 94 15.26 20.16 -6.93
N GLU B 95 14.98 19.11 -7.73
CA GLU B 95 14.62 19.27 -9.14
C GLU B 95 13.11 19.34 -9.38
N GLY B 96 12.29 19.24 -8.35
CA GLY B 96 10.85 19.28 -8.53
C GLY B 96 10.24 18.06 -9.19
N ARG B 97 10.90 16.90 -9.12
CA ARG B 97 10.37 15.70 -9.76
CA ARG B 97 10.36 15.71 -9.76
C ARG B 97 9.94 14.67 -8.71
N PRO B 98 8.98 13.81 -9.03
CA PRO B 98 8.61 12.74 -8.10
C PRO B 98 9.73 11.73 -7.93
N CYS B 99 9.69 10.98 -6.82
CA CYS B 99 10.64 9.91 -6.57
C CYS B 99 10.00 8.85 -5.68
N CYS B 100 10.69 7.72 -5.55
CA CYS B 100 10.18 6.63 -4.70
C CYS B 100 11.37 5.85 -4.21
N GLN B 101 11.57 5.81 -2.90
CA GLN B 101 12.72 5.12 -2.30
C GLN B 101 12.27 4.46 -1.01
N VAL B 102 12.92 3.35 -0.68
CA VAL B 102 12.69 2.63 0.57
C VAL B 102 13.77 3.05 1.57
N LEU B 103 13.36 3.55 2.73
CA LEU B 103 14.27 3.98 3.77
C LEU B 103 14.03 3.19 5.06
N ARG B 104 15.09 3.04 5.84
CA ARG B 104 14.97 2.59 7.22
C ARG B 104 14.46 3.75 8.05
N ASN B 105 13.34 3.56 8.74
CA ASN B 105 12.75 4.56 9.60
C ASN B 105 12.55 3.98 10.99
N TYR B 106 12.22 4.85 11.95
CA TYR B 106 12.11 4.48 13.35
C TYR B 106 10.86 5.11 13.95
N ARG B 107 10.05 4.28 14.61
CA ARG B 107 8.87 4.80 15.28
C ARG B 107 9.28 5.56 16.55
N LYS B 108 8.28 6.20 17.16
CA LYS B 108 8.53 6.92 18.41
C LYS B 108 9.16 6.03 19.48
N ASP B 109 8.71 4.77 19.57
CA ASP B 109 9.31 3.87 20.55
C ASP B 109 10.69 3.36 20.15
N GLY B 110 11.20 3.73 18.97
CA GLY B 110 12.51 3.34 18.54
C GLY B 110 12.57 2.14 17.62
N SER B 111 11.44 1.47 17.36
CA SER B 111 11.50 0.26 16.56
C SER B 111 11.70 0.59 15.08
N LEU B 112 12.51 -0.24 14.43
CA LEU B 112 12.83 -0.09 13.01
C LEU B 112 11.69 -0.59 12.14
N PHE B 113 11.42 0.13 11.05
CA PHE B 113 10.57 -0.37 9.99
C PHE B 113 11.09 0.14 8.64
N TRP B 114 10.79 -0.61 7.59
CA TRP B 114 11.17 -0.23 6.23
C TRP B 114 10.02 0.55 5.62
N ASN B 115 10.30 1.78 5.19
CA ASN B 115 9.28 2.73 4.76
C ASN B 115 9.46 2.98 3.27
N GLU B 116 8.51 2.51 2.46
CA GLU B 116 8.52 2.83 1.04
C GLU B 116 7.82 4.18 0.81
N LEU B 117 8.58 5.16 0.35
CA LEU B 117 8.12 6.55 0.29
CA LEU B 117 8.13 6.54 0.29
C LEU B 117 7.90 6.95 -1.16
N SER B 118 6.70 7.47 -1.45
CA SER B 118 6.40 8.04 -2.75
C SER B 118 6.14 9.52 -2.55
N ILE B 119 6.93 10.36 -3.20
CA ILE B 119 6.84 11.81 -3.02
C ILE B 119 6.54 12.45 -4.36
N THR B 120 5.53 13.31 -4.41
CA THR B 120 5.18 14.03 -5.64
C THR B 120 5.16 15.53 -5.40
N PRO B 121 6.11 16.29 -5.94
CA PRO B 121 6.04 17.75 -5.83
C PRO B 121 4.95 18.30 -6.72
N VAL B 122 4.20 19.27 -6.19
CA VAL B 122 3.12 19.93 -6.93
C VAL B 122 3.29 21.43 -6.73
N HIS B 123 3.55 22.15 -7.82
CA HIS B 123 3.81 23.57 -7.75
C HIS B 123 2.53 24.34 -8.05
N ASN B 124 2.16 25.23 -7.15
CA ASN B 124 1.01 26.10 -7.32
C ASN B 124 1.53 27.42 -7.90
N GLU B 125 1.41 27.60 -9.21
CA GLU B 125 1.95 28.78 -9.87
C GLU B 125 1.22 30.06 -9.47
N ALA B 126 0.01 29.95 -8.93
CA ALA B 126 -0.72 31.14 -8.50
C ALA B 126 -0.11 31.71 -7.22
N ASP B 127 -0.03 30.90 -6.16
CA ASP B 127 0.48 31.37 -4.88
C ASP B 127 1.98 31.21 -4.74
N GLN B 128 2.65 30.69 -5.78
CA GLN B 128 4.10 30.57 -5.86
C GLN B 128 4.68 29.67 -4.76
N LEU B 129 3.89 28.72 -4.27
CA LEU B 129 4.34 27.80 -3.24
C LEU B 129 4.37 26.39 -3.80
N THR B 130 5.35 25.61 -3.36
CA THR B 130 5.43 24.22 -3.74
C THR B 130 4.93 23.35 -2.58
N TYR B 131 4.03 22.43 -2.89
CA TYR B 131 3.54 21.42 -1.97
C TYR B 131 4.08 20.08 -2.42
N TYR B 132 4.00 19.10 -1.51
CA TYR B 132 4.43 17.72 -1.78
C TYR B 132 3.38 16.77 -1.23
N ILE B 133 2.96 15.79 -2.04
CA ILE B 133 2.17 14.66 -1.56
C ILE B 133 3.13 13.53 -1.22
N GLY B 134 3.00 12.98 -0.02
CA GLY B 134 3.81 11.83 0.35
C GLY B 134 2.95 10.64 0.72
N ILE B 135 3.25 9.46 0.17
CA ILE B 135 2.60 8.20 0.54
C ILE B 135 3.65 7.35 1.25
N GLN B 136 3.31 6.82 2.43
CA GLN B 136 4.22 5.98 3.21
C GLN B 136 3.62 4.59 3.40
N ARG B 137 4.39 3.57 3.06
CA ARG B 137 3.95 2.19 3.29
C ARG B 137 5.00 1.42 4.10
N ASP B 138 4.56 0.76 5.17
CA ASP B 138 5.44 -0.16 5.89
C ASP B 138 5.61 -1.42 5.03
N VAL B 139 6.80 -1.62 4.50
CA VAL B 139 7.06 -2.79 3.68
C VAL B 139 8.01 -3.73 4.39
N THR B 140 8.07 -3.63 5.73
CA THR B 140 8.94 -4.51 6.52
C THR B 140 8.68 -5.97 6.21
N ALA B 141 7.39 -6.36 6.17
CA ALA B 141 7.06 -7.77 5.96
C ALA B 141 7.55 -8.26 4.59
N GLN B 142 7.36 -7.43 3.56
CA GLN B 142 7.75 -7.81 2.20
C GLN B 142 9.27 -7.81 2.03
N VAL B 143 9.96 -6.87 2.67
CA VAL B 143 11.44 -6.86 2.65
C VAL B 143 11.99 -8.14 3.27
N PHE B 144 11.43 -8.55 4.40
CA PHE B 144 11.92 -9.76 5.07
C PHE B 144 11.64 -11.00 4.24
N ALA B 145 10.47 -11.06 3.58
CA ALA B 145 10.15 -12.20 2.74
C ALA B 145 11.11 -12.32 1.56
N GLU B 146 11.40 -11.20 0.89
CA GLU B 146 12.32 -11.22 -0.25
C GLU B 146 13.73 -11.59 0.20
N GLU B 147 14.13 -11.12 1.38
CA GLU B 147 15.42 -11.54 1.92
C GLU B 147 15.41 -13.04 2.25
N ARG B 148 14.29 -13.54 2.76
CA ARG B 148 14.18 -14.94 3.13
C ARG B 148 14.28 -15.82 1.88
N VAL B 149 13.68 -15.38 0.77
CA VAL B 149 13.80 -16.09 -0.51
C VAL B 149 15.26 -16.16 -0.95
N ARG B 150 15.99 -15.04 -0.85
CA ARG B 150 17.39 -15.04 -1.30
C ARG B 150 18.24 -15.94 -0.41
N GLU B 151 18.01 -15.91 0.90
CA GLU B 151 18.75 -16.77 1.82
C GLU B 151 18.46 -18.25 1.57
N LEU B 152 17.20 -18.60 1.31
CA LEU B 152 16.84 -19.99 1.06
C LEU B 152 17.40 -20.48 -0.28
N GLU B 153 17.40 -19.62 -1.30
CA GLU B 153 18.00 -19.99 -2.57
C GLU B 153 19.48 -20.31 -2.40
N ALA B 154 20.19 -19.49 -1.62
CA ALA B 154 21.60 -19.75 -1.35
C ALA B 154 21.81 -21.03 -0.54
N GLU B 155 20.94 -21.28 0.44
CA GLU B 155 21.03 -22.51 1.23
C GLU B 155 20.80 -23.75 0.37
N VAL B 156 19.77 -23.72 -0.47
CA VAL B 156 19.50 -24.84 -1.34
C VAL B 156 20.68 -25.08 -2.28
N ALA B 157 21.23 -24.01 -2.83
CA ALA B 157 22.35 -24.15 -3.76
C ALA B 157 23.56 -24.76 -3.09
N GLU B 158 23.85 -24.35 -1.85
CA GLU B 158 25.00 -24.88 -1.14
C GLU B 158 24.78 -26.34 -0.74
N LEU B 159 23.56 -26.69 -0.30
CA LEU B 159 23.27 -28.07 0.09
C LEU B 159 23.37 -29.00 -1.12
N ARG B 160 22.90 -28.52 -2.28
CA ARG B 160 23.03 -29.32 -3.51
CA ARG B 160 23.03 -29.35 -3.47
C ARG B 160 24.49 -29.46 -3.90
N ARG B 161 25.27 -28.40 -3.75
CA ARG B 161 26.68 -28.45 -4.08
CA ARG B 161 26.68 -28.47 -4.09
C ARG B 161 27.41 -29.46 -3.20
N GLN B 162 27.08 -29.49 -1.90
CA GLN B 162 27.74 -30.43 -0.99
C GLN B 162 27.42 -31.87 -1.35
N GLN B 163 26.21 -32.15 -1.83
CA GLN B 163 25.89 -33.49 -2.32
C GLN B 163 26.70 -33.86 -3.57
N GLY B 164 27.05 -32.88 -4.40
CA GLY B 164 27.84 -33.12 -5.60
C GLY B 164 29.34 -33.15 -5.40
N GLN B 165 29.82 -32.56 -4.30
CA GLN B 165 31.26 -32.34 -4.10
C GLN B 165 32.06 -33.63 -3.99
N ALA B 166 33.23 -33.61 -4.67
CA ALA B 166 34.13 -34.76 -4.73
C ALA B 166 34.57 -35.20 -3.34
N LYS B 167 34.81 -36.51 -3.22
CA LYS B 167 35.16 -37.15 -1.95
C LYS B 167 36.57 -37.74 -2.06
N HIS B 168 37.56 -36.86 -2.16
CA HIS B 168 38.92 -37.24 -2.43
C HIS B 168 39.87 -36.79 -1.34
O2 PEG C . -12.33 -9.01 7.95
C3 PEG C . -11.48 -8.19 8.78
C4 PEG C . -10.60 -9.05 9.68
O4 PEG C . -9.49 -9.59 8.94
N1 FMN D . -14.85 -7.17 -4.94
C2 FMN D . -13.75 -7.55 -5.70
O2 FMN D . -13.68 -8.71 -6.14
N3 FMN D . -12.74 -6.65 -5.97
C4 FMN D . -12.82 -5.36 -5.48
O4 FMN D . -11.91 -4.57 -5.74
C4A FMN D . -13.93 -4.96 -4.71
N5 FMN D . -14.03 -3.67 -4.22
C5A FMN D . -15.13 -3.29 -3.46
C6 FMN D . -15.21 -1.98 -2.96
C7 FMN D . -16.31 -1.59 -2.18
C7M FMN D . -16.41 -0.18 -1.64
C8 FMN D . -17.33 -2.52 -1.92
C8M FMN D . -18.53 -2.13 -1.10
C9 FMN D . -17.23 -3.81 -2.42
C9A FMN D . -16.14 -4.21 -3.19
N10 FMN D . -16.06 -5.51 -3.69
C10 FMN D . -14.94 -5.88 -4.44
C1' FMN D . -17.11 -6.55 -3.38
C2' FMN D . -18.32 -6.73 -4.27
O2' FMN D . -18.77 -5.44 -4.64
C3' FMN D . -19.37 -7.50 -3.44
O3' FMN D . -19.65 -6.86 -2.21
C4' FMN D . -18.89 -8.90 -3.06
O4' FMN D . -18.60 -9.67 -4.21
C5' FMN D . -19.88 -9.65 -2.16
O5' FMN D . -21.21 -9.44 -2.58
P FMN D . -21.95 -10.42 -3.62
O1P FMN D . -21.14 -10.45 -4.91
O2P FMN D . -22.01 -11.83 -3.08
O3P FMN D . -23.34 -9.91 -3.89
C1 PEG E . 10.23 18.96 17.52
O1 PEG E . 10.58 19.35 18.85
C2 PEG E . 9.61 17.56 17.50
O2 PEG E . 10.30 16.71 16.58
C3 PEG E . 10.12 15.32 16.92
C4 PEG E . 11.36 14.55 16.41
O4 PEG E . 11.67 13.43 17.27
N1 FMN F . 11.76 10.82 4.97
C2 FMN F . 11.65 9.72 5.82
O2 FMN F . 12.66 9.20 6.29
N3 FMN F . 10.44 9.18 6.11
C4 FMN F . 9.28 9.73 5.58
O4 FMN F . 8.19 9.24 5.86
C4A FMN F . 9.36 10.85 4.74
N5 FMN F . 8.21 11.41 4.20
C5A FMN F . 8.31 12.51 3.36
C6 FMN F . 7.15 13.07 2.81
C7 FMN F . 7.24 14.17 1.97
C7M FMN F . 5.96 14.76 1.40
C8 FMN F . 8.48 14.74 1.68
C8M FMN F . 8.58 15.96 0.76
C9 FMN F . 9.65 14.18 2.21
C9A FMN F . 9.58 13.06 3.05
N10 FMN F . 10.72 12.49 3.61
C10 FMN F . 10.61 11.38 4.44
C1' FMN F . 12.09 12.98 3.26
C2' FMN F . 12.71 14.02 4.17
O2' FMN F . 11.70 14.98 4.47
C3' FMN F . 13.87 14.67 3.41
O3' FMN F . 13.37 15.17 2.19
C4' FMN F . 15.00 13.69 3.10
O4' FMN F . 15.56 13.22 4.31
C5' FMN F . 16.10 14.35 2.24
O5' FMN F . 16.37 15.66 2.73
P FMN F . 17.56 15.97 3.81
O1P FMN F . 18.91 15.62 3.21
O2P FMN F . 17.57 17.44 4.12
O3P FMN F . 17.32 15.16 5.07
#